data_2EET
#
_entry.id   2EET
#
_cell.length_a   133.790
_cell.length_b   35.280
_cell.length_c   41.660
_cell.angle_alpha   90.00
_cell.angle_beta   90.66
_cell.angle_gamma   90.00
#
_symmetry.space_group_name_H-M   'C 1 2 1'
#
loop_
_entity.id
_entity.type
_entity.pdbx_description
1 polymer 'Guanine Riboswitch'
2 non-polymer 'ACETATE ION'
3 non-polymer 'COBALT HEXAMMINE(III)'
4 non-polymer HYPOXANTHINE
5 water water
#
_entity_poly.entity_id   1
_entity_poly.type   'polyribonucleotide'
_entity_poly.pdbx_seq_one_letter_code
;GGACAUGUAAUCGCGUGGAUAUGGCACGCAAGUUUCUACCGGGCACCGUAAAUGUCCGACCAUGUCC
;
_entity_poly.pdbx_strand_id   A
#